data_2HN1
#
_entry.id   2HN1
#
_cell.length_a   101.216
_cell.length_b   101.216
_cell.length_c   142.724
_cell.angle_alpha   90.000
_cell.angle_beta   90.000
_cell.angle_gamma   120.000
#
_symmetry.space_group_name_H-M   'P 61 2 2'
#
loop_
_entity.id
_entity.type
_entity.pdbx_description
1 polymer 'Magnesium and cobalt transporter'
2 non-polymer 'COBALT (II) ION'
#
_entity_poly.entity_id   1
_entity_poly.type   'polypeptide(L)'
_entity_poly.pdbx_seq_one_letter_code
;GSHMRIPATIKKKMALPPATPVFTGEKKVEETKITAAIYDEKSVEFKELEVGELESVVRSALALNKKLWIDVVGVHDESL
IAKICEFLGIHPLAAEDILNTAQRVKIEDYDDHLFLVLKILLYNETLEIDQLSLVLKKNLVATFEEREYWILDSIRSRLK
SGGRMRKLAGDYLAYTILDAVVDSYFEALLKISDEIEVLEDEVVSGDSTLIGKIHSLKREILAFRNAVWPLRDVLSFFTR
VEHELIGEEVKVYYRDVYDHAVRLME
;
_entity_poly.pdbx_strand_id   A
#
loop_
_chem_comp.id
_chem_comp.type
_chem_comp.name
_chem_comp.formula
CO non-polymer 'COBALT (II) ION' 'Co 2'
#
# COMPACT_ATOMS: atom_id res chain seq x y z
N PRO A 21 -3.24 -19.48 -7.86
CA PRO A 21 -2.67 -18.22 -8.33
C PRO A 21 -3.42 -17.69 -9.56
N VAL A 22 -4.52 -16.98 -9.30
CA VAL A 22 -5.40 -16.45 -10.36
C VAL A 22 -5.44 -14.91 -10.36
N PHE A 23 -5.31 -14.33 -11.55
CA PHE A 23 -5.27 -12.87 -11.73
C PHE A 23 -6.53 -12.34 -12.44
N THR A 24 -7.07 -11.22 -11.92
CA THR A 24 -8.20 -10.52 -12.55
C THR A 24 -7.99 -9.00 -12.58
N GLY A 25 -8.43 -8.36 -13.66
CA GLY A 25 -8.30 -6.91 -13.84
C GLY A 25 -7.02 -6.49 -14.55
N GLU A 26 -7.06 -6.51 -15.89
CA GLU A 26 -5.89 -6.17 -16.73
C GLU A 26 -5.65 -4.65 -16.71
N LYS A 27 -4.41 -4.25 -16.43
CA LYS A 27 -4.06 -2.82 -16.34
C LYS A 27 -2.54 -2.56 -16.44
N LYS A 28 -1.97 -2.70 -17.64
CA LYS A 28 -0.53 -2.46 -17.86
C LYS A 28 -0.13 -2.13 -19.30
N VAL A 29 -0.70 -2.88 -20.25
CA VAL A 29 -0.34 -2.82 -21.70
C VAL A 29 1.17 -3.08 -21.96
N GLU A 30 1.87 -3.56 -20.93
CA GLU A 30 3.30 -3.91 -21.00
C GLU A 30 3.54 -5.23 -20.28
N GLU A 31 4.75 -5.79 -20.45
CA GLU A 31 5.14 -7.01 -19.73
C GLU A 31 6.01 -6.75 -18.49
N THR A 32 5.95 -7.68 -17.54
CA THR A 32 6.62 -7.58 -16.24
C THR A 32 8.08 -7.16 -16.34
N LYS A 33 8.53 -6.27 -15.45
CA LYS A 33 9.95 -5.92 -15.37
C LYS A 33 10.49 -5.78 -13.94
N ILE A 34 11.06 -6.87 -13.44
CA ILE A 34 11.73 -6.88 -12.14
C ILE A 34 12.96 -5.97 -12.17
N THR A 35 13.25 -5.37 -11.03
CA THR A 35 14.41 -4.49 -10.86
C THR A 35 14.76 -4.41 -9.38
N ALA A 36 16.04 -4.55 -9.04
CA ALA A 36 16.46 -4.60 -7.65
C ALA A 36 17.61 -3.65 -7.31
N ALA A 37 17.56 -3.07 -6.12
CA ALA A 37 18.60 -2.16 -5.66
C ALA A 37 19.32 -2.73 -4.45
N ILE A 38 20.61 -2.45 -4.35
CA ILE A 38 21.44 -2.93 -3.24
C ILE A 38 22.24 -1.76 -2.67
N TYR A 39 22.13 -1.59 -1.35
CA TYR A 39 22.80 -0.49 -0.66
C TYR A 39 23.43 -0.99 0.63
N ASP A 40 24.65 -0.53 0.89
CA ASP A 40 25.42 -0.99 2.04
C ASP A 40 25.94 0.19 2.84
N GLU A 41 25.10 0.63 3.78
CA GLU A 41 25.40 1.74 4.68
C GLU A 41 25.64 3.06 3.95
N LYS A 42 26.05 4.08 4.70
CA LYS A 42 26.36 5.41 4.15
C LYS A 42 27.34 5.38 2.99
N SER A 43 28.11 4.30 2.90
CA SER A 43 29.07 4.06 1.81
C SER A 43 28.42 4.31 0.45
N VAL A 44 29.08 5.13 -0.36
CA VAL A 44 28.53 5.69 -1.60
C VAL A 44 27.98 4.68 -2.62
N GLU A 45 27.92 3.40 -2.23
CA GLU A 45 27.44 2.34 -3.12
C GLU A 45 25.92 2.17 -3.13
N PHE A 46 25.39 1.92 -4.33
CA PHE A 46 23.96 1.72 -4.58
C PHE A 46 23.75 0.83 -5.81
N LYS A 47 24.30 -0.39 -5.76
CA LYS A 47 24.24 -1.33 -6.89
C LYS A 47 22.81 -1.79 -7.21
N GLU A 48 22.31 -1.35 -8.37
CA GLU A 48 20.94 -1.65 -8.79
C GLU A 48 20.87 -2.29 -10.17
N LEU A 49 21.13 -3.59 -10.23
CA LEU A 49 21.05 -4.35 -11.48
C LEU A 49 19.62 -4.79 -11.78
N GLU A 50 19.12 -4.37 -12.93
CA GLU A 50 17.79 -4.76 -13.41
C GLU A 50 17.72 -6.26 -13.74
N VAL A 51 18.87 -6.88 -14.00
CA VAL A 51 18.94 -8.32 -14.31
C VAL A 51 18.45 -9.22 -13.17
N GLY A 52 17.16 -9.15 -12.91
CA GLY A 52 16.44 -10.18 -12.16
C GLY A 52 15.49 -10.80 -13.16
N GLU A 53 15.41 -12.12 -13.19
CA GLU A 53 14.54 -12.80 -14.13
C GLU A 53 13.61 -13.79 -13.44
N LEU A 54 14.19 -14.56 -12.51
CA LEU A 54 13.49 -15.56 -11.69
C LEU A 54 14.56 -16.47 -11.10
N GLU A 55 15.45 -16.94 -11.97
CA GLU A 55 16.68 -17.64 -11.58
C GLU A 55 17.75 -16.61 -11.20
N SER A 56 17.70 -15.45 -11.86
CA SER A 56 18.63 -14.37 -11.59
C SER A 56 18.28 -13.60 -10.30
N VAL A 57 17.53 -14.26 -9.41
CA VAL A 57 17.17 -13.66 -8.12
C VAL A 57 17.21 -14.69 -6.96
N VAL A 58 16.68 -15.89 -7.17
CA VAL A 58 16.69 -16.94 -6.13
C VAL A 58 18.12 -17.25 -5.65
N ARG A 59 19.00 -17.56 -6.59
CA ARG A 59 20.43 -17.71 -6.30
C ARG A 59 21.07 -16.32 -6.26
N SER A 60 21.60 -15.87 -7.40
CA SER A 60 22.29 -14.58 -7.50
C SER A 60 21.38 -13.42 -7.08
N ALA A 61 21.54 -13.05 -5.80
CA ALA A 61 20.82 -11.96 -5.13
C ALA A 61 20.88 -12.22 -3.63
N LEU A 62 21.42 -13.38 -3.27
CA LEU A 62 21.57 -13.80 -1.87
C LEU A 62 22.45 -12.81 -1.10
N ALA A 63 23.76 -13.10 -1.01
CA ALA A 63 24.71 -12.28 -0.24
C ALA A 63 24.06 -11.63 0.99
N LEU A 64 23.82 -12.45 2.00
CA LEU A 64 23.17 -12.03 3.25
C LEU A 64 24.06 -11.09 4.07
N ASN A 65 24.34 -9.92 3.49
CA ASN A 65 25.24 -8.91 4.05
C ASN A 65 24.95 -7.51 3.48
N LYS A 66 23.90 -7.43 2.65
CA LYS A 66 23.52 -6.22 1.90
C LYS A 66 22.02 -5.90 2.08
N LYS A 67 21.62 -4.65 1.78
CA LYS A 67 20.20 -4.26 1.88
C LYS A 67 19.52 -4.25 0.51
N LEU A 68 18.43 -5.02 0.38
CA LEU A 68 17.81 -5.26 -0.92
C LEU A 68 16.34 -4.80 -1.06
N TRP A 69 16.08 -4.05 -2.12
CA TRP A 69 14.72 -3.67 -2.53
C TRP A 69 14.36 -4.25 -3.89
N ILE A 70 13.63 -5.36 -3.87
CA ILE A 70 13.08 -5.96 -5.07
C ILE A 70 11.84 -5.18 -5.49
N ASP A 71 11.80 -4.78 -6.75
CA ASP A 71 10.75 -3.93 -7.28
C ASP A 71 10.15 -4.55 -8.53
N VAL A 72 8.95 -5.09 -8.40
CA VAL A 72 8.23 -5.74 -9.51
C VAL A 72 7.25 -4.73 -10.10
N VAL A 73 7.27 -4.56 -11.42
CA VAL A 73 6.42 -3.53 -12.05
C VAL A 73 5.36 -4.10 -13.01
N GLY A 74 4.99 -5.37 -12.81
CA GLY A 74 3.91 -5.97 -13.58
C GLY A 74 3.29 -7.10 -12.81
N VAL A 75 1.95 -7.12 -12.74
CA VAL A 75 1.25 -8.11 -11.93
C VAL A 75 0.24 -8.95 -12.73
N HIS A 76 0.31 -8.85 -14.05
CA HIS A 76 -0.58 -9.63 -14.92
C HIS A 76 -0.20 -11.11 -14.98
N ASP A 77 1.10 -11.38 -14.87
CA ASP A 77 1.60 -12.75 -15.01
C ASP A 77 1.49 -13.53 -13.70
N GLU A 78 0.40 -14.30 -13.60
CA GLU A 78 0.12 -15.10 -12.40
C GLU A 78 1.14 -16.21 -12.18
N SER A 79 1.88 -16.55 -13.24
CA SER A 79 2.93 -17.55 -13.17
C SER A 79 4.19 -16.96 -12.56
N LEU A 80 4.65 -15.85 -13.14
CA LEU A 80 5.87 -15.20 -12.70
C LEU A 80 5.86 -14.96 -11.20
N ILE A 81 4.91 -14.14 -10.74
CA ILE A 81 4.88 -13.71 -9.35
C ILE A 81 4.67 -14.85 -8.35
N ALA A 82 3.85 -15.84 -8.71
CA ALA A 82 3.62 -17.01 -7.86
C ALA A 82 4.93 -17.67 -7.45
N LYS A 83 5.89 -17.65 -8.37
CA LYS A 83 7.20 -18.23 -8.13
C LYS A 83 8.13 -17.21 -7.51
N ILE A 84 7.92 -15.93 -7.85
CA ILE A 84 8.66 -14.82 -7.26
C ILE A 84 8.40 -14.75 -5.76
N CYS A 85 7.18 -15.09 -5.37
CA CYS A 85 6.81 -15.18 -3.96
C CYS A 85 7.52 -16.35 -3.30
N GLU A 86 7.48 -17.50 -3.95
CA GLU A 86 8.19 -18.71 -3.50
C GLU A 86 9.66 -18.41 -3.28
N PHE A 87 10.26 -17.71 -4.24
CA PHE A 87 11.69 -17.38 -4.20
C PHE A 87 12.04 -16.28 -3.19
N LEU A 88 11.02 -15.68 -2.58
CA LEU A 88 11.23 -14.69 -1.53
C LEU A 88 10.60 -15.13 -0.21
N GLY A 89 9.96 -16.30 -0.23
CA GLY A 89 9.36 -16.87 0.97
C GLY A 89 8.05 -16.21 1.34
N ILE A 90 7.42 -15.57 0.35
CA ILE A 90 6.15 -14.89 0.53
C ILE A 90 5.01 -15.89 0.50
N HIS A 91 4.40 -16.11 1.66
CA HIS A 91 3.30 -17.06 1.85
C HIS A 91 2.31 -17.04 0.67
N PRO A 92 1.83 -18.23 0.25
CA PRO A 92 0.85 -18.33 -0.83
C PRO A 92 -0.31 -17.36 -0.69
N LEU A 93 -0.97 -17.35 0.47
CA LEU A 93 -2.16 -16.54 0.71
C LEU A 93 -1.97 -15.06 0.41
N ALA A 94 -0.75 -14.56 0.63
CA ALA A 94 -0.38 -13.22 0.23
C ALA A 94 -0.30 -13.10 -1.29
N ALA A 95 0.36 -14.07 -1.92
CA ALA A 95 0.62 -14.08 -3.36
C ALA A 95 -0.65 -13.99 -4.22
N GLU A 96 -1.72 -14.68 -3.81
CA GLU A 96 -2.99 -14.56 -4.52
C GLU A 96 -3.62 -13.19 -4.31
N ASP A 97 -3.42 -12.62 -3.13
CA ASP A 97 -3.85 -11.26 -2.85
C ASP A 97 -3.07 -10.23 -3.65
N ILE A 98 -1.77 -10.47 -3.84
CA ILE A 98 -0.96 -9.61 -4.71
C ILE A 98 -1.53 -9.60 -6.13
N LEU A 99 -2.21 -10.68 -6.50
CA LEU A 99 -2.79 -10.81 -7.84
C LEU A 99 -4.19 -10.25 -7.95
N ASN A 100 -4.94 -10.32 -6.84
CA ASN A 100 -6.27 -9.73 -6.78
C ASN A 100 -6.21 -8.22 -6.60
N THR A 101 -6.17 -7.51 -7.72
CA THR A 101 -6.06 -6.05 -7.77
C THR A 101 -7.16 -5.33 -6.99
N ALA A 102 -8.25 -6.04 -6.74
CA ALA A 102 -9.39 -5.47 -6.06
C ALA A 102 -9.45 -5.87 -4.58
N GLN A 103 -8.28 -6.10 -4.00
CA GLN A 103 -8.22 -6.40 -2.57
C GLN A 103 -8.36 -5.15 -1.72
N ARG A 104 -8.93 -5.31 -0.53
CA ARG A 104 -9.02 -4.24 0.44
C ARG A 104 -7.65 -3.92 1.03
N VAL A 105 -7.49 -2.69 1.51
CA VAL A 105 -6.26 -2.24 2.13
C VAL A 105 -6.10 -2.99 3.45
N LYS A 106 -5.03 -3.76 3.57
CA LYS A 106 -4.83 -4.62 4.74
C LYS A 106 -3.35 -4.74 5.14
N ILE A 107 -3.11 -5.32 6.31
CA ILE A 107 -1.78 -5.71 6.73
C ILE A 107 -1.82 -7.11 7.37
N GLU A 108 -0.77 -7.90 7.15
CA GLU A 108 -0.68 -9.24 7.71
C GLU A 108 0.70 -9.61 8.22
N ASP A 109 0.71 -10.31 9.35
CA ASP A 109 1.94 -10.78 10.01
C ASP A 109 2.18 -12.22 9.56
N TYR A 110 3.36 -12.51 9.01
CA TYR A 110 3.52 -13.79 8.30
C TYR A 110 4.56 -14.88 8.64
N ASP A 111 5.34 -14.80 9.73
CA ASP A 111 5.56 -13.65 10.57
C ASP A 111 7.02 -13.27 10.33
N ASP A 112 7.62 -13.94 9.35
CA ASP A 112 8.96 -13.64 8.87
C ASP A 112 8.89 -12.54 7.82
N HIS A 113 7.66 -12.23 7.38
CA HIS A 113 7.38 -11.08 6.53
C HIS A 113 6.05 -10.39 6.86
N LEU A 114 6.04 -9.06 6.74
CA LEU A 114 4.82 -8.28 6.85
C LEU A 114 4.29 -8.03 5.45
N PHE A 115 3.02 -8.34 5.24
CA PHE A 115 2.41 -8.14 3.94
C PHE A 115 1.30 -7.12 4.02
N LEU A 116 1.39 -6.08 3.19
CA LEU A 116 0.34 -5.08 3.13
C LEU A 116 -0.12 -4.74 1.72
N VAL A 117 -1.43 -4.53 1.58
CA VAL A 117 -2.02 -4.11 0.34
C VAL A 117 -2.39 -2.64 0.48
N LEU A 118 -1.94 -1.83 -0.46
CA LEU A 118 -2.26 -0.42 -0.46
C LEU A 118 -3.02 -0.08 -1.73
N LYS A 119 -3.32 1.21 -1.89
CA LYS A 119 -4.01 1.70 -3.06
C LYS A 119 -3.41 3.03 -3.46
N ILE A 120 -3.29 3.24 -4.77
CA ILE A 120 -2.74 4.49 -5.28
C ILE A 120 -3.77 5.21 -6.13
N LEU A 121 -3.91 6.49 -5.90
CA LEU A 121 -4.93 7.28 -6.56
C LEU A 121 -4.30 8.08 -7.68
N LEU A 122 -4.68 7.73 -8.90
CA LEU A 122 -4.10 8.29 -10.12
C LEU A 122 -5.09 9.12 -10.91
N TYR A 123 -4.94 10.44 -10.82
CA TYR A 123 -5.77 11.35 -11.59
C TYR A 123 -5.29 11.46 -13.03
N ASN A 124 -5.47 10.36 -13.78
CA ASN A 124 -5.22 10.35 -15.21
C ASN A 124 -6.57 10.57 -15.91
N GLU A 125 -6.81 11.81 -16.31
CA GLU A 125 -8.16 12.34 -16.65
C GLU A 125 -9.23 11.96 -15.60
N THR A 126 -9.84 10.78 -15.75
CA THR A 126 -10.66 10.20 -14.69
C THR A 126 -9.74 9.71 -13.57
N LEU A 127 -10.22 9.77 -12.32
CA LEU A 127 -9.48 9.17 -11.21
C LEU A 127 -9.36 7.68 -11.49
N GLU A 128 -8.14 7.16 -11.33
CA GLU A 128 -7.88 5.74 -11.50
C GLU A 128 -7.26 5.21 -10.21
N ILE A 129 -7.64 4.01 -9.81
CA ILE A 129 -7.11 3.39 -8.59
C ILE A 129 -6.26 2.18 -8.93
N ASP A 130 -4.98 2.26 -8.58
CA ASP A 130 -4.06 1.13 -8.75
C ASP A 130 -3.73 0.49 -7.41
N GLN A 131 -3.21 -0.73 -7.44
CA GLN A 131 -2.79 -1.41 -6.22
C GLN A 131 -1.27 -1.40 -6.09
N LEU A 132 -0.80 -1.35 -4.84
CA LEU A 132 0.63 -1.45 -4.55
C LEU A 132 0.83 -2.37 -3.34
N SER A 133 1.18 -3.62 -3.61
CA SER A 133 1.52 -4.57 -2.55
C SER A 133 2.90 -4.26 -2.02
N LEU A 134 3.09 -4.47 -0.72
CA LEU A 134 4.39 -4.26 -0.10
C LEU A 134 4.70 -5.41 0.85
N VAL A 135 5.93 -5.90 0.79
CA VAL A 135 6.35 -6.99 1.64
C VAL A 135 7.64 -6.63 2.32
N LEU A 136 7.71 -6.89 3.63
CA LEU A 136 8.87 -6.61 4.45
C LEU A 136 9.29 -7.86 5.20
N LYS A 137 10.49 -8.37 4.89
CA LYS A 137 11.11 -9.43 5.69
C LYS A 137 12.38 -8.86 6.35
N LYS A 138 13.11 -9.69 7.11
CA LYS A 138 14.32 -9.19 7.78
C LYS A 138 15.33 -8.73 6.75
N ASN A 139 15.56 -7.42 6.75
CA ASN A 139 16.41 -6.76 5.77
C ASN A 139 16.05 -7.15 4.31
N LEU A 140 14.77 -6.97 3.95
CA LEU A 140 14.27 -7.25 2.60
C LEU A 140 12.92 -6.58 2.32
N VAL A 141 12.88 -5.69 1.33
CA VAL A 141 11.65 -5.01 0.92
C VAL A 141 11.24 -5.37 -0.50
N ALA A 142 10.07 -5.99 -0.63
CA ALA A 142 9.53 -6.35 -1.93
C ALA A 142 8.25 -5.59 -2.23
N THR A 143 8.30 -4.69 -3.20
CA THR A 143 7.13 -3.95 -3.66
C THR A 143 6.59 -4.58 -4.94
N PHE A 144 5.29 -4.42 -5.18
CA PHE A 144 4.61 -4.99 -6.35
C PHE A 144 3.65 -3.96 -6.96
N GLU A 145 4.05 -3.37 -8.08
CA GLU A 145 3.33 -2.26 -8.68
C GLU A 145 2.58 -2.64 -9.95
N GLU A 146 1.46 -1.96 -10.21
CA GLU A 146 0.69 -2.18 -11.42
C GLU A 146 1.37 -1.55 -12.64
N ARG A 147 1.68 -0.27 -12.54
CA ARG A 147 2.38 0.46 -13.59
C ARG A 147 3.65 1.07 -12.99
N GLU A 148 4.40 1.81 -13.80
CA GLU A 148 5.54 2.58 -13.29
C GLU A 148 5.21 4.08 -13.27
N TYR A 149 6.19 4.92 -13.60
CA TYR A 149 6.08 6.39 -13.45
C TYR A 149 5.38 6.78 -12.13
N TRP A 150 5.75 6.09 -11.05
CA TRP A 150 5.06 6.22 -9.78
C TRP A 150 5.46 7.47 -8.99
N ILE A 151 5.47 7.33 -7.66
CA ILE A 151 5.98 8.32 -6.73
C ILE A 151 7.30 7.77 -6.18
N LEU A 152 7.63 6.54 -6.58
CA LEU A 152 8.86 5.87 -6.19
C LEU A 152 10.10 6.52 -6.80
N ASP A 153 9.86 7.49 -7.68
CA ASP A 153 10.90 8.27 -8.37
C ASP A 153 11.91 8.85 -7.40
N SER A 154 11.41 9.48 -6.34
CA SER A 154 12.27 10.07 -5.31
C SER A 154 12.86 9.02 -4.39
N ILE A 155 12.21 7.87 -4.25
CA ILE A 155 12.71 6.78 -3.41
C ILE A 155 13.99 6.20 -4.02
N ARG A 156 14.05 6.21 -5.35
CA ARG A 156 15.30 5.99 -6.07
C ARG A 156 16.26 7.15 -5.77
N SER A 157 15.79 8.38 -5.96
CA SER A 157 16.61 9.59 -5.76
C SER A 157 17.19 9.72 -4.36
N ARG A 158 16.45 9.22 -3.37
CA ARG A 158 16.90 9.26 -1.98
C ARG A 158 17.96 8.16 -1.73
N LEU A 159 17.83 7.03 -2.44
CA LEU A 159 18.85 6.00 -2.44
C LEU A 159 20.11 6.45 -3.21
N LYS A 160 19.89 7.37 -4.16
CA LYS A 160 20.98 7.98 -4.94
C LYS A 160 21.88 8.85 -4.05
N SER A 161 21.28 9.64 -3.17
CA SER A 161 22.01 10.50 -2.24
C SER A 161 22.44 9.73 -1.00
N GLY A 162 23.64 10.03 -0.52
CA GLY A 162 24.17 9.43 0.71
C GLY A 162 23.46 9.95 1.94
N GLY A 163 22.28 9.40 2.21
CA GLY A 163 21.46 9.82 3.34
C GLY A 163 21.19 8.72 4.36
N ARG A 164 20.13 8.92 5.15
CA ARG A 164 19.67 7.96 6.16
C ARG A 164 18.93 6.76 5.52
N MET A 165 18.67 6.86 4.21
CA MET A 165 18.08 5.78 3.43
C MET A 165 18.93 4.51 3.47
N ARG A 166 20.21 4.65 3.10
CA ARG A 166 21.15 3.54 3.00
C ARG A 166 21.52 2.98 4.37
N LYS A 167 21.73 3.89 5.33
CA LYS A 167 22.21 3.55 6.66
C LYS A 167 21.23 2.67 7.42
N LEU A 168 19.95 2.76 7.05
CA LEU A 168 18.90 2.12 7.83
C LEU A 168 18.24 0.95 7.11
N ALA A 169 17.70 0.02 7.91
CA ALA A 169 17.18 -1.25 7.43
C ALA A 169 16.02 -1.13 6.43
N GLY A 170 15.39 -2.27 6.15
CA GLY A 170 14.26 -2.32 5.24
C GLY A 170 13.07 -1.64 5.86
N ASP A 171 12.96 -1.74 7.19
CA ASP A 171 11.88 -1.12 7.95
C ASP A 171 11.74 0.37 7.61
N TYR A 172 12.86 1.08 7.57
CA TYR A 172 12.85 2.49 7.21
C TYR A 172 12.42 2.70 5.76
N LEU A 173 12.87 1.82 4.87
CA LEU A 173 12.47 1.95 3.48
C LEU A 173 10.96 1.77 3.32
N ALA A 174 10.43 0.70 3.89
CA ALA A 174 8.99 0.45 3.89
C ALA A 174 8.22 1.67 4.36
N TYR A 175 8.75 2.33 5.40
CA TYR A 175 8.21 3.57 5.92
C TYR A 175 8.18 4.69 4.86
N THR A 176 9.31 4.91 4.19
CA THR A 176 9.46 5.99 3.21
C THR A 176 8.42 5.89 2.09
N ILE A 177 8.16 4.65 1.66
CA ILE A 177 7.14 4.35 0.66
C ILE A 177 5.76 4.73 1.19
N LEU A 178 5.43 4.23 2.39
CA LEU A 178 4.17 4.61 3.04
C LEU A 178 4.01 6.12 3.16
N ASP A 179 5.10 6.81 3.52
CA ASP A 179 5.12 8.27 3.61
C ASP A 179 4.86 8.95 2.25
N ALA A 180 5.42 8.39 1.18
CA ALA A 180 5.19 8.92 -0.16
C ALA A 180 3.75 8.69 -0.60
N VAL A 181 3.26 7.46 -0.39
CA VAL A 181 1.90 7.09 -0.71
C VAL A 181 0.90 8.01 0.00
N VAL A 182 1.02 8.06 1.33
CA VAL A 182 0.13 8.87 2.18
C VAL A 182 0.13 10.34 1.80
N ASP A 183 1.29 10.89 1.42
CA ASP A 183 1.38 12.26 0.90
C ASP A 183 0.44 12.48 -0.28
N SER A 184 0.46 11.55 -1.24
CA SER A 184 -0.39 11.66 -2.43
C SER A 184 -1.90 11.64 -2.15
N TYR A 185 -2.29 11.18 -0.96
CA TYR A 185 -3.70 11.16 -0.59
C TYR A 185 -4.24 12.54 -0.24
N PHE A 186 -3.33 13.44 0.15
CA PHE A 186 -3.70 14.83 0.40
C PHE A 186 -3.97 15.51 -0.92
N GLU A 187 -3.27 15.08 -1.97
CA GLU A 187 -3.51 15.55 -3.34
C GLU A 187 -4.94 15.23 -3.79
N ALA A 188 -5.30 13.95 -3.73
CA ALA A 188 -6.64 13.51 -4.10
C ALA A 188 -7.72 14.26 -3.31
N LEU A 189 -7.59 14.27 -1.99
CA LEU A 189 -8.57 14.92 -1.12
C LEU A 189 -8.78 16.39 -1.50
N LEU A 190 -7.71 17.03 -1.97
CA LEU A 190 -7.74 18.42 -2.38
C LEU A 190 -8.57 18.56 -3.67
N LYS A 191 -8.26 17.72 -4.65
CA LYS A 191 -9.00 17.72 -5.90
C LYS A 191 -10.46 17.37 -5.68
N ILE A 192 -10.73 16.39 -4.82
CA ILE A 192 -12.09 15.96 -4.53
C ILE A 192 -12.96 17.07 -3.92
N SER A 193 -12.35 17.90 -3.07
CA SER A 193 -13.05 19.02 -2.46
C SER A 193 -13.44 20.09 -3.46
N ASP A 194 -12.57 20.35 -4.44
CA ASP A 194 -12.86 21.30 -5.51
C ASP A 194 -14.08 20.84 -6.27
N GLU A 195 -14.07 19.55 -6.63
CA GLU A 195 -15.16 18.92 -7.34
C GLU A 195 -16.49 19.08 -6.60
N ILE A 196 -16.49 18.85 -5.29
CA ILE A 196 -17.67 19.05 -4.47
C ILE A 196 -18.11 20.50 -4.55
N GLU A 197 -17.19 21.42 -4.25
CA GLU A 197 -17.45 22.86 -4.35
C GLU A 197 -18.04 23.27 -5.69
N VAL A 198 -17.48 22.74 -6.77
CA VAL A 198 -17.95 23.03 -8.14
C VAL A 198 -19.34 22.44 -8.42
N LEU A 199 -19.59 21.21 -7.97
CA LEU A 199 -20.91 20.60 -8.16
C LEU A 199 -21.95 21.22 -7.24
N GLU A 200 -21.60 21.41 -5.97
CA GLU A 200 -22.46 22.07 -4.99
C GLU A 200 -22.93 23.42 -5.53
N ASP A 201 -22.00 24.14 -6.16
CA ASP A 201 -22.30 25.43 -6.76
C ASP A 201 -23.37 25.30 -7.84
N GLU A 202 -23.01 24.73 -8.98
CA GLU A 202 -23.95 24.64 -10.11
C GLU A 202 -25.25 23.91 -9.78
N VAL A 203 -25.32 23.27 -8.61
CA VAL A 203 -26.60 22.79 -8.08
C VAL A 203 -27.36 23.95 -7.44
N VAL A 204 -26.73 24.60 -6.47
CA VAL A 204 -27.28 25.76 -5.78
C VAL A 204 -27.42 26.94 -6.74
N SER A 205 -26.30 27.36 -7.32
CA SER A 205 -26.26 28.39 -8.36
C SER A 205 -27.17 28.03 -9.52
N GLY A 206 -27.51 26.75 -9.62
CA GLY A 206 -28.49 26.25 -10.58
C GLY A 206 -29.89 26.64 -10.14
N ASP A 207 -30.05 27.93 -9.85
CA ASP A 207 -31.31 28.57 -9.44
C ASP A 207 -32.10 27.90 -8.31
N SER A 208 -31.84 26.61 -8.07
CA SER A 208 -32.56 25.87 -7.04
C SER A 208 -31.91 26.08 -5.68
N THR A 209 -31.78 27.35 -5.30
CA THR A 209 -31.20 27.75 -4.02
C THR A 209 -32.09 27.32 -2.85
N LEU A 210 -33.31 26.86 -3.20
CA LEU A 210 -34.22 26.25 -2.24
C LEU A 210 -33.67 24.92 -1.71
N ILE A 211 -32.35 24.81 -1.72
CA ILE A 211 -31.66 23.61 -1.24
C ILE A 211 -30.53 23.93 -0.24
N GLY A 212 -30.93 24.20 1.00
CA GLY A 212 -30.00 24.21 2.13
C GLY A 212 -30.05 22.84 2.80
N LYS A 213 -30.57 21.86 2.06
CA LYS A 213 -30.60 20.46 2.48
C LYS A 213 -29.26 19.81 2.20
N ILE A 214 -28.53 20.38 1.25
CA ILE A 214 -27.16 19.97 0.96
C ILE A 214 -26.29 20.03 2.22
N HIS A 215 -26.38 21.14 2.95
CA HIS A 215 -25.54 21.32 4.13
C HIS A 215 -26.05 20.61 5.38
N SER A 216 -27.35 20.32 5.42
CA SER A 216 -27.90 19.49 6.48
C SER A 216 -27.28 18.10 6.36
N LEU A 217 -27.24 17.62 5.12
CA LEU A 217 -26.65 16.33 4.78
C LEU A 217 -25.13 16.36 4.96
N LYS A 218 -24.49 17.39 4.42
CA LYS A 218 -23.03 17.53 4.51
C LYS A 218 -22.54 17.37 5.94
N ARG A 219 -23.30 17.91 6.90
CA ARG A 219 -22.95 17.82 8.31
C ARG A 219 -23.26 16.43 8.87
N GLU A 220 -24.23 15.74 8.29
CA GLU A 220 -24.56 14.37 8.72
C GLU A 220 -23.47 13.39 8.32
N ILE A 221 -22.93 13.57 7.11
CA ILE A 221 -21.87 12.72 6.60
C ILE A 221 -20.57 12.94 7.37
N LEU A 222 -20.20 14.19 7.56
CA LEU A 222 -18.97 14.51 8.28
C LEU A 222 -19.05 14.12 9.76
N ALA A 223 -20.24 14.21 10.35
CA ALA A 223 -20.45 13.77 11.73
C ALA A 223 -20.28 12.26 11.84
N PHE A 224 -20.72 11.54 10.81
CA PHE A 224 -20.52 10.10 10.72
C PHE A 224 -19.03 9.78 10.59
N ARG A 225 -18.35 10.51 9.69
CA ARG A 225 -16.91 10.34 9.45
C ARG A 225 -16.13 10.47 10.74
N ASN A 226 -16.34 11.57 11.48
CA ASN A 226 -15.68 11.80 12.76
C ASN A 226 -16.00 10.70 13.79
N ALA A 227 -17.22 10.19 13.73
CA ALA A 227 -17.65 9.15 14.66
C ALA A 227 -16.99 7.81 14.34
N VAL A 228 -17.07 7.41 13.08
CA VAL A 228 -16.74 6.05 12.69
C VAL A 228 -15.33 5.89 12.11
N TRP A 229 -14.78 6.98 11.59
CA TRP A 229 -13.48 6.91 10.94
C TRP A 229 -12.35 6.42 11.88
N PRO A 230 -12.15 7.10 13.04
CA PRO A 230 -11.11 6.66 13.98
C PRO A 230 -11.45 5.36 14.67
N LEU A 231 -12.63 4.82 14.38
CA LEU A 231 -13.20 3.77 15.20
C LEU A 231 -12.49 2.44 14.99
N ARG A 232 -12.37 2.02 13.73
CA ARG A 232 -11.60 0.83 13.35
C ARG A 232 -10.21 0.83 14.01
N ASP A 233 -9.62 2.02 14.13
CA ASP A 233 -8.32 2.22 14.76
C ASP A 233 -8.41 1.90 16.25
N VAL A 234 -9.44 2.41 16.90
CA VAL A 234 -9.72 2.18 18.32
C VAL A 234 -9.93 0.69 18.65
N LEU A 235 -10.77 0.01 17.87
CA LEU A 235 -11.10 -1.39 18.16
C LEU A 235 -9.94 -2.33 17.92
N SER A 236 -9.01 -1.94 17.05
CA SER A 236 -7.90 -2.83 16.68
C SER A 236 -6.81 -2.89 17.75
N PHE A 237 -6.80 -1.92 18.66
CA PHE A 237 -5.96 -1.94 19.86
C PHE A 237 -6.16 -3.21 20.67
N PHE A 238 -7.41 -3.52 21.01
CA PHE A 238 -7.72 -4.71 21.79
C PHE A 238 -7.31 -5.96 21.04
N THR A 239 -7.35 -5.89 19.73
CA THR A 239 -7.13 -7.02 18.83
C THR A 239 -5.66 -7.42 18.71
N ARG A 240 -4.76 -6.46 18.77
CA ARG A 240 -3.35 -6.74 18.56
C ARG A 240 -2.39 -5.98 19.49
N VAL A 241 -2.80 -5.81 20.74
CA VAL A 241 -1.92 -5.25 21.78
C VAL A 241 -2.01 -6.12 23.04
N GLU A 242 -0.86 -6.64 23.45
CA GLU A 242 -0.74 -7.39 24.69
C GLU A 242 -0.96 -6.45 25.86
N HIS A 243 -1.96 -6.76 26.68
CA HIS A 243 -2.31 -5.91 27.81
C HIS A 243 -2.95 -6.68 28.96
N GLU A 244 -2.49 -6.38 30.17
CA GLU A 244 -3.08 -6.92 31.40
C GLU A 244 -4.31 -6.09 31.70
N LEU A 245 -5.42 -6.36 31.01
CA LEU A 245 -6.72 -5.69 31.20
C LEU A 245 -7.75 -6.35 30.30
N ILE A 246 -7.25 -6.90 29.20
CA ILE A 246 -8.04 -7.72 28.30
C ILE A 246 -7.46 -9.13 28.39
N GLY A 247 -8.30 -10.06 28.86
CA GLY A 247 -7.90 -11.45 29.00
C GLY A 247 -7.81 -12.14 27.66
N GLU A 248 -6.90 -13.10 27.55
CA GLU A 248 -6.73 -13.88 26.32
C GLU A 248 -7.84 -14.91 26.12
N GLU A 249 -9.08 -14.42 26.14
CA GLU A 249 -10.29 -15.24 26.07
C GLU A 249 -11.42 -14.36 25.55
N VAL A 250 -11.31 -13.07 25.86
CA VAL A 250 -12.28 -12.08 25.45
C VAL A 250 -11.84 -11.45 24.11
N LYS A 251 -10.60 -11.73 23.70
CA LYS A 251 -10.05 -11.33 22.40
C LYS A 251 -10.98 -11.69 21.24
N VAL A 252 -11.56 -12.89 21.31
CA VAL A 252 -12.56 -13.36 20.37
C VAL A 252 -13.60 -12.29 20.13
N TYR A 253 -14.16 -11.77 21.21
CA TYR A 253 -15.27 -10.83 21.17
C TYR A 253 -14.87 -9.51 20.52
N TYR A 254 -13.71 -9.01 20.91
CA TYR A 254 -13.19 -7.76 20.40
C TYR A 254 -12.95 -7.81 18.88
N ARG A 255 -12.29 -8.87 18.43
CA ARG A 255 -12.04 -9.12 17.01
C ARG A 255 -13.35 -9.05 16.22
N ASP A 256 -14.42 -9.50 16.84
CA ASP A 256 -15.71 -9.50 16.20
C ASP A 256 -16.35 -8.11 16.01
N VAL A 257 -16.27 -7.23 17.01
CA VAL A 257 -16.76 -5.86 16.85
C VAL A 257 -15.92 -5.19 15.77
N TYR A 258 -14.61 -5.41 15.85
CA TYR A 258 -13.67 -4.97 14.83
C TYR A 258 -14.16 -5.36 13.43
N ASP A 259 -14.52 -6.64 13.25
CA ASP A 259 -15.07 -7.10 11.99
C ASP A 259 -16.31 -6.34 11.58
N HIS A 260 -17.25 -6.17 12.52
CA HIS A 260 -18.47 -5.41 12.28
C HIS A 260 -18.11 -3.99 11.83
N ALA A 261 -17.13 -3.39 12.50
CA ALA A 261 -16.65 -2.05 12.17
C ALA A 261 -16.04 -1.99 10.77
N VAL A 262 -15.27 -3.01 10.41
CA VAL A 262 -14.61 -3.09 9.12
C VAL A 262 -15.65 -3.04 8.01
N ARG A 263 -16.76 -3.76 8.20
CA ARG A 263 -17.83 -3.85 7.22
C ARG A 263 -18.65 -2.57 7.08
N LEU A 264 -18.77 -1.80 8.16
CA LEU A 264 -19.51 -0.53 8.11
C LEU A 264 -19.19 0.29 6.88
N MET A 265 -17.90 0.44 6.59
CA MET A 265 -17.45 1.28 5.49
C MET A 265 -16.82 0.44 4.38
N GLU A 266 -17.53 -0.61 3.99
CA GLU A 266 -17.06 -1.52 2.96
C GLU A 266 -18.16 -1.71 1.91
CO CO B . -20.45 -10.52 15.10
#